data_8AXW
#
_entry.id   8AXW
#
_cell.length_a   49.625
_cell.length_b   49.625
_cell.length_c   144.775
_cell.angle_alpha   90.000
_cell.angle_beta   90.000
_cell.angle_gamma   90.000
#
_symmetry.space_group_name_H-M   'P 41 21 2'
#
loop_
_entity.id
_entity.type
_entity.pdbx_description
1 polymer 'Protein Aster-C'
2 non-polymer GLYCEROL
3 non-polymer ETHANOL
4 non-polymer 'CHLORIDE ION'
5 non-polymer 'TRIETHYLENE GLYCOL'
6 non-polymer (3~{R},4~{S})-1-(4-fluorophenyl)-3-[(3~{S})-3-(4-fluorophenyl)-3-oxidanyl-propyl]-4-(4-hydroxyphenyl)azetidin-2-one
7 water water
#
_entity_poly.entity_id   1
_entity_poly.type   'polypeptide(L)'
_entity_poly.pdbx_seq_one_letter_code
;GALDLNKNEYLSLDKSSTSDSVDEENIPEKDLQGRLYINRVFHISAERMFELLFTSSHFMQRFANSRNIIDVVSTPWTVE
SGGNQLRTMTYTIVLSNPLTGKYTAATEKQTLYKESREAQFYLVDSEVLTHDVPYHDYFYTLNRYCIVRSAKQRCRLRVS
TDLKYRKQPWGLIKSLIEKNSWSSLESYFKKLESDLLMEESVLSQSIEDAGKHSSLRRRRRTLN
;
_entity_poly.pdbx_strand_id   A
#
# COMPACT_ATOMS: atom_id res chain seq x y z
N LYS A 30 -3.92 -13.13 10.17
CA LYS A 30 -4.54 -12.00 9.47
C LYS A 30 -3.74 -11.55 8.27
N ASP A 31 -2.55 -12.10 8.09
CA ASP A 31 -1.79 -11.85 6.88
C ASP A 31 -2.61 -12.24 5.67
N LEU A 32 -2.48 -11.47 4.59
CA LEU A 32 -3.00 -11.93 3.29
C LEU A 32 -2.09 -13.03 2.75
N GLN A 33 -2.69 -13.97 2.02
CA GLN A 33 -1.98 -15.18 1.65
C GLN A 33 -1.13 -15.05 0.40
N GLY A 34 -1.27 -13.96 -0.34
CA GLY A 34 -0.52 -13.81 -1.58
C GLY A 34 0.97 -13.74 -1.36
N ARG A 35 1.41 -12.72 -0.63
CA ARG A 35 2.83 -12.56 -0.36
C ARG A 35 3.01 -11.68 0.87
N LEU A 36 3.96 -12.04 1.73
CA LEU A 36 4.35 -11.23 2.87
C LEU A 36 5.61 -10.45 2.51
N TYR A 37 5.50 -9.13 2.43
CA TYR A 37 6.59 -8.28 1.95
C TYR A 37 7.40 -7.65 3.07
N ILE A 38 6.75 -7.19 4.13
CA ILE A 38 7.42 -6.60 5.29
C ILE A 38 6.96 -7.31 6.56
N ASN A 39 7.90 -7.64 7.42
CA ASN A 39 7.58 -8.14 8.76
C ASN A 39 8.76 -7.76 9.64
N ARG A 40 8.67 -6.57 10.24
CA ARG A 40 9.83 -5.98 10.89
C ARG A 40 9.42 -5.17 12.10
N VAL A 41 10.25 -5.23 13.16
CA VAL A 41 10.08 -4.42 14.35
C VAL A 41 10.89 -3.13 14.20
N PHE A 42 10.19 -2.00 14.33
CA PHE A 42 10.75 -0.67 14.19
C PHE A 42 10.75 0.06 15.54
N HIS A 43 11.79 0.89 15.75
CA HIS A 43 11.83 1.81 16.89
C HIS A 43 11.04 3.08 16.56
N ILE A 44 9.76 2.86 16.32
CA ILE A 44 8.74 3.84 15.98
C ILE A 44 7.48 3.37 16.69
N SER A 45 6.75 4.26 17.36
CA SER A 45 5.54 3.86 18.02
C SER A 45 4.48 3.49 16.97
N ALA A 46 3.50 2.67 17.37
CA ALA A 46 2.46 2.31 16.41
C ALA A 46 1.76 3.54 15.84
N GLU A 47 1.40 4.51 16.69
CA GLU A 47 0.69 5.67 16.18
C GLU A 47 1.55 6.50 15.25
N ARG A 48 2.87 6.59 15.51
CA ARG A 48 3.70 7.39 14.63
C ARG A 48 3.91 6.65 13.31
N MET A 49 4.00 5.32 13.36
CA MET A 49 3.95 4.54 12.12
C MET A 49 2.77 4.80 11.26
N PHE A 50 1.61 4.81 11.88
CA PHE A 50 0.40 5.12 11.15
C PHE A 50 0.49 6.51 10.53
N GLU A 51 0.93 7.49 11.33
CA GLU A 51 1.09 8.85 10.84
C GLU A 51 2.03 8.91 9.65
N LEU A 52 3.19 8.25 9.76
CA LEU A 52 4.14 8.31 8.68
C LEU A 52 3.54 7.77 7.38
N LEU A 53 2.85 6.62 7.45
CA LEU A 53 2.41 5.94 6.24
C LEU A 53 1.06 6.37 5.69
N PHE A 54 0.16 6.89 6.56
CA PHE A 54 -1.24 7.05 6.17
C PHE A 54 -1.75 8.46 6.35
N THR A 55 -0.87 9.43 6.46
CA THR A 55 -1.25 10.84 6.36
C THR A 55 -0.38 11.50 5.31
N SER A 56 -0.66 12.77 5.05
CA SER A 56 0.17 13.55 4.13
C SER A 56 1.41 14.05 4.88
N SER A 57 2.26 13.08 5.20
CA SER A 57 3.44 13.32 6.00
C SER A 57 4.61 13.78 5.12
N HIS A 58 5.58 14.45 5.74
CA HIS A 58 6.82 14.73 5.00
C HIS A 58 7.47 13.44 4.54
N PHE A 59 7.38 12.38 5.34
CA PHE A 59 7.92 11.09 4.93
C PHE A 59 7.33 10.65 3.59
N MET A 60 6.00 10.69 3.46
CA MET A 60 5.40 10.20 2.22
C MET A 60 5.62 11.14 1.04
N GLN A 61 5.83 12.43 1.30
CA GLN A 61 6.20 13.34 0.23
C GLN A 61 7.57 12.96 -0.32
N ARG A 62 8.55 12.75 0.57
CA ARG A 62 9.87 12.34 0.11
C ARG A 62 9.81 10.97 -0.55
N PHE A 63 9.09 10.02 0.05
CA PHE A 63 9.02 8.68 -0.51
C PHE A 63 8.34 8.69 -1.87
N ALA A 64 7.27 9.48 -2.02
CA ALA A 64 6.63 9.59 -3.33
C ALA A 64 7.61 10.04 -4.39
N ASN A 65 8.35 11.11 -4.10
CA ASN A 65 9.38 11.59 -5.02
C ASN A 65 10.35 10.46 -5.36
N SER A 66 10.85 9.76 -4.34
CA SER A 66 11.82 8.70 -4.57
C SER A 66 11.27 7.60 -5.48
N ARG A 67 9.98 7.30 -5.38
CA ARG A 67 9.36 6.22 -6.12
C ARG A 67 8.74 6.69 -7.43
N ASN A 68 8.93 7.95 -7.78
CA ASN A 68 8.40 8.51 -9.02
C ASN A 68 6.87 8.40 -9.05
N ILE A 69 6.27 8.73 -7.92
CA ILE A 69 4.82 8.87 -7.78
C ILE A 69 4.53 10.36 -7.74
N ILE A 70 3.71 10.85 -8.66
CA ILE A 70 3.49 12.27 -8.83
C ILE A 70 2.01 12.62 -8.85
N ASP A 71 1.76 13.93 -8.73
CA ASP A 71 0.42 14.47 -8.81
C ASP A 71 -0.53 13.77 -7.85
N VAL A 72 -0.12 13.70 -6.59
CA VAL A 72 -0.88 13.01 -5.55
C VAL A 72 -2.02 13.92 -5.09
N VAL A 73 -3.23 13.36 -5.03
CA VAL A 73 -4.38 14.03 -4.43
C VAL A 73 -4.91 13.04 -3.39
N SER A 74 -5.18 13.52 -2.18
CA SER A 74 -5.66 12.65 -1.12
C SER A 74 -6.81 13.30 -0.35
N THR A 75 -7.62 12.45 0.25
CA THR A 75 -8.53 12.91 1.29
C THR A 75 -7.88 12.76 2.65
N PRO A 76 -8.40 13.45 3.64
CA PRO A 76 -8.16 13.04 5.02
C PRO A 76 -8.89 11.75 5.33
N TRP A 77 -8.63 11.23 6.50
CA TRP A 77 -9.41 10.12 7.01
C TRP A 77 -10.78 10.62 7.46
N THR A 78 -11.85 9.95 6.97
CA THR A 78 -13.19 10.22 7.47
C THR A 78 -13.72 9.02 8.25
N VAL A 79 -14.66 9.31 9.15
CA VAL A 79 -15.19 8.32 10.10
C VAL A 79 -16.62 7.95 9.73
N GLU A 80 -16.86 6.68 9.46
CA GLU A 80 -18.18 6.17 9.12
C GLU A 80 -18.98 5.86 10.38
N SER A 81 -20.31 5.85 10.25
CA SER A 81 -21.15 5.51 11.39
C SER A 81 -20.76 4.17 12.01
N GLY A 82 -20.35 3.22 11.19
CA GLY A 82 -19.90 1.95 11.76
C GLY A 82 -18.58 1.99 12.52
N GLY A 83 -17.86 3.11 12.46
CA GLY A 83 -16.59 3.28 13.17
C GLY A 83 -15.35 3.03 12.34
N ASN A 84 -15.47 2.32 11.22
CA ASN A 84 -14.32 2.24 10.34
C ASN A 84 -14.00 3.63 9.81
N GLN A 85 -12.75 3.83 9.40
CA GLN A 85 -12.35 5.07 8.74
C GLN A 85 -11.92 4.77 7.31
N LEU A 86 -12.07 5.77 6.47
CA LEU A 86 -11.89 5.69 5.03
C LEU A 86 -10.99 6.82 4.55
N ARG A 87 -10.15 6.52 3.56
CA ARG A 87 -9.30 7.52 2.93
C ARG A 87 -9.14 7.11 1.47
N THR A 88 -9.12 8.08 0.56
CA THR A 88 -8.91 7.78 -0.85
C THR A 88 -7.81 8.68 -1.40
N MET A 89 -7.10 8.14 -2.40
CA MET A 89 -6.06 8.89 -3.07
C MET A 89 -6.12 8.63 -4.56
N THR A 90 -5.64 9.60 -5.32
CA THR A 90 -5.34 9.40 -6.74
C THR A 90 -3.91 9.87 -6.98
N TYR A 91 -3.24 9.29 -7.98
CA TYR A 91 -1.88 9.72 -8.26
C TYR A 91 -1.48 9.11 -9.60
N THR A 92 -0.36 9.57 -10.12
CA THR A 92 0.21 9.03 -11.34
C THR A 92 1.53 8.38 -11.01
N ILE A 93 1.74 7.18 -11.54
CA ILE A 93 2.98 6.43 -11.42
C ILE A 93 3.78 6.63 -12.71
N VAL A 94 5.01 7.11 -12.57
CA VAL A 94 5.95 7.13 -13.69
C VAL A 94 6.58 5.74 -13.80
N LEU A 95 6.32 5.05 -14.90
CA LEU A 95 6.63 3.64 -15.00
C LEU A 95 8.02 3.42 -15.59
N SER A 96 8.63 2.31 -15.21
CA SER A 96 10.00 2.02 -15.62
C SER A 96 10.09 1.04 -16.78
N ASN A 97 9.08 0.19 -16.98
CA ASN A 97 9.09 -0.79 -18.07
C ASN A 97 8.29 -0.22 -19.23
N PRO A 98 8.91 0.03 -20.40
CA PRO A 98 8.17 0.73 -21.45
C PRO A 98 6.95 -0.04 -21.94
N LEU A 99 6.95 -1.37 -21.82
CA LEU A 99 5.79 -2.14 -22.29
C LEU A 99 4.59 -1.92 -21.38
N THR A 100 4.78 -1.41 -20.16
CA THR A 100 3.63 -1.07 -19.33
C THR A 100 3.11 0.34 -19.61
N GLY A 101 3.77 1.08 -20.50
CA GLY A 101 3.47 2.47 -20.78
C GLY A 101 4.43 3.41 -20.07
N LYS A 102 4.26 4.70 -20.34
CA LYS A 102 5.09 5.70 -19.70
C LYS A 102 4.59 6.04 -18.30
N TYR A 103 3.27 6.16 -18.18
CA TYR A 103 2.62 6.56 -16.95
C TYR A 103 1.37 5.72 -16.78
N THR A 104 0.91 5.63 -15.54
CA THR A 104 -0.45 5.20 -15.29
C THR A 104 -1.03 6.00 -14.15
N ALA A 105 -2.28 6.41 -14.32
CA ALA A 105 -3.07 6.91 -13.20
C ALA A 105 -3.46 5.74 -12.31
N ALA A 106 -3.63 6.04 -11.02
CA ALA A 106 -4.04 5.03 -10.06
C ALA A 106 -5.01 5.69 -9.08
N THR A 107 -5.84 4.84 -8.48
CA THR A 107 -6.74 5.25 -7.40
C THR A 107 -6.59 4.24 -6.27
N GLU A 108 -6.61 4.73 -5.02
CA GLU A 108 -6.48 3.88 -3.85
C GLU A 108 -7.64 4.15 -2.93
N LYS A 109 -8.14 3.09 -2.34
CA LYS A 109 -9.12 3.18 -1.28
C LYS A 109 -8.49 2.53 -0.06
N GLN A 110 -8.41 3.26 1.06
CA GLN A 110 -7.83 2.75 2.28
C GLN A 110 -8.90 2.67 3.37
N THR A 111 -8.94 1.53 4.07
CA THR A 111 -9.90 1.30 5.17
C THR A 111 -9.16 0.97 6.44
N LEU A 112 -9.43 1.74 7.52
CA LEU A 112 -8.89 1.44 8.85
C LEU A 112 -9.99 0.80 9.69
N TYR A 113 -9.76 -0.44 10.11
CA TYR A 113 -10.82 -1.21 10.78
C TYR A 113 -10.95 -0.86 12.26
N LYS A 114 -12.18 -0.53 12.66
CA LYS A 114 -12.48 -0.19 14.04
C LYS A 114 -12.11 -1.32 14.99
N GLU A 115 -12.35 -2.57 14.58
CA GLU A 115 -12.05 -3.67 15.47
C GLU A 115 -10.57 -3.71 15.83
N SER A 116 -9.69 -3.40 14.88
CA SER A 116 -8.27 -3.38 15.18
C SER A 116 -7.97 -2.30 16.22
N ARG A 117 -8.56 -1.12 16.05
CA ARG A 117 -8.28 -0.02 16.97
C ARG A 117 -8.77 -0.33 18.37
N GLU A 118 -9.94 -0.97 18.48
CA GLU A 118 -10.41 -1.36 19.81
C GLU A 118 -9.44 -2.34 20.47
N ALA A 119 -8.69 -3.11 19.69
CA ALA A 119 -7.69 -4.05 20.16
C ALA A 119 -6.28 -3.46 20.25
N GLN A 120 -6.18 -2.14 20.19
CA GLN A 120 -4.94 -1.39 20.37
C GLN A 120 -3.92 -1.61 19.25
N PHE A 121 -4.36 -1.94 18.02
CA PHE A 121 -3.42 -1.99 16.92
C PHE A 121 -4.07 -1.29 15.72
N TYR A 122 -3.39 -1.34 14.58
CA TYR A 122 -3.89 -0.71 13.36
C TYR A 122 -3.90 -1.75 12.26
N LEU A 123 -5.06 -1.95 11.63
CA LEU A 123 -5.18 -2.79 10.44
C LEU A 123 -5.78 -1.93 9.33
N VAL A 124 -4.98 -1.70 8.30
CA VAL A 124 -5.42 -0.94 7.12
C VAL A 124 -5.40 -1.84 5.90
N ASP A 125 -6.53 -1.91 5.19
CA ASP A 125 -6.57 -2.55 3.87
C ASP A 125 -6.55 -1.44 2.83
N SER A 126 -5.60 -1.52 1.90
CA SER A 126 -5.45 -0.57 0.81
C SER A 126 -5.72 -1.30 -0.49
N GLU A 127 -6.71 -0.84 -1.23
CA GLU A 127 -7.04 -1.39 -2.54
C GLU A 127 -6.55 -0.41 -3.60
N VAL A 128 -5.73 -0.90 -4.54
CA VAL A 128 -5.06 -0.07 -5.52
C VAL A 128 -5.47 -0.54 -6.91
N LEU A 129 -5.98 0.39 -7.70
CA LEU A 129 -6.42 0.16 -9.06
CA LEU A 129 -6.41 0.15 -9.07
C LEU A 129 -5.60 1.05 -9.98
N THR A 130 -5.15 0.51 -11.12
CA THR A 130 -4.52 1.32 -12.15
C THR A 130 -5.46 1.49 -13.32
N HIS A 131 -5.27 2.58 -14.06
CA HIS A 131 -6.18 2.95 -15.11
C HIS A 131 -5.64 2.85 -16.52
N ASP A 132 -4.31 2.71 -16.70
CA ASP A 132 -3.71 2.82 -18.04
C ASP A 132 -2.84 1.67 -18.48
N VAL A 133 -2.31 0.85 -17.58
CA VAL A 133 -1.36 -0.20 -17.95
C VAL A 133 -2.08 -1.25 -18.76
N PRO A 134 -1.37 -2.00 -19.58
CA PRO A 134 -2.00 -3.15 -20.26
C PRO A 134 -2.68 -4.08 -19.25
N TYR A 135 -3.91 -4.45 -19.57
CA TYR A 135 -4.74 -5.34 -18.75
C TYR A 135 -5.13 -4.68 -17.43
N HIS A 136 -5.15 -3.36 -17.41
CA HIS A 136 -5.51 -2.65 -16.16
C HIS A 136 -6.87 -3.04 -15.63
N ASP A 137 -7.81 -3.37 -16.49
CA ASP A 137 -9.15 -3.68 -16.09
C ASP A 137 -9.31 -5.12 -15.58
N TYR A 138 -8.23 -5.91 -15.60
CA TYR A 138 -8.28 -7.30 -15.23
C TYR A 138 -8.04 -7.52 -13.74
N PHE A 139 -7.40 -6.58 -13.06
CA PHE A 139 -6.88 -6.87 -11.74
C PHE A 139 -6.85 -5.63 -10.87
N TYR A 140 -6.73 -5.88 -9.58
CA TYR A 140 -6.39 -4.83 -8.62
C TYR A 140 -5.57 -5.51 -7.53
N THR A 141 -5.00 -4.68 -6.66
CA THR A 141 -4.09 -5.12 -5.63
C THR A 141 -4.68 -4.75 -4.28
N LEU A 142 -4.69 -5.71 -3.37
CA LEU A 142 -5.09 -5.50 -1.98
C LEU A 142 -3.84 -5.62 -1.14
N ASN A 143 -3.44 -4.52 -0.49
CA ASN A 143 -2.29 -4.51 0.42
C ASN A 143 -2.84 -4.34 1.84
N ARG A 144 -2.43 -5.22 2.76
CA ARG A 144 -2.86 -5.17 4.15
C ARG A 144 -1.68 -4.75 5.02
N TYR A 145 -1.87 -3.68 5.78
CA TYR A 145 -0.86 -3.12 6.66
C TYR A 145 -1.32 -3.35 8.09
N CYS A 146 -0.51 -4.09 8.85
CA CYS A 146 -0.82 -4.36 10.25
C CYS A 146 0.28 -3.78 11.11
N ILE A 147 -0.09 -2.88 12.02
CA ILE A 147 0.85 -2.18 12.90
C ILE A 147 0.50 -2.55 14.32
N VAL A 148 1.42 -3.25 15.01
CA VAL A 148 1.15 -3.82 16.34
C VAL A 148 2.13 -3.20 17.32
N ARG A 149 1.65 -2.92 18.52
CA ARG A 149 2.49 -2.30 19.55
C ARG A 149 3.43 -3.32 20.15
N SER A 150 4.65 -2.85 20.43
CA SER A 150 5.67 -3.62 21.13
C SER A 150 6.24 -2.76 22.25
N ALA A 151 6.93 -3.41 23.18
CA ALA A 151 7.45 -2.66 24.31
C ALA A 151 8.38 -1.53 23.86
N LYS A 152 8.47 -0.49 24.70
CA LYS A 152 9.50 0.54 24.59
C LYS A 152 9.30 1.43 23.36
N GLN A 153 8.05 1.77 23.07
CA GLN A 153 7.73 2.66 21.94
C GLN A 153 8.21 2.08 20.61
N ARG A 154 8.07 0.77 20.46
CA ARG A 154 8.36 0.05 19.23
C ARG A 154 7.05 -0.44 18.64
N CYS A 155 7.12 -0.89 17.38
CA CYS A 155 5.98 -1.52 16.75
C CYS A 155 6.48 -2.55 15.77
N ARG A 156 5.60 -3.47 15.42
CA ARG A 156 5.84 -4.40 14.32
C ARG A 156 4.96 -3.97 13.17
N LEU A 157 5.55 -3.77 12.01
CA LEU A 157 4.84 -3.53 10.76
C LEU A 157 4.87 -4.81 9.94
N ARG A 158 3.69 -5.29 9.56
CA ARG A 158 3.52 -6.42 8.64
C ARG A 158 2.76 -5.92 7.44
N VAL A 159 3.26 -6.19 6.23
CA VAL A 159 2.57 -5.81 5.02
C VAL A 159 2.50 -7.02 4.11
N SER A 160 1.29 -7.35 3.70
CA SER A 160 1.06 -8.52 2.85
C SER A 160 0.15 -8.08 1.71
N THR A 161 0.16 -8.87 0.64
CA THR A 161 -0.49 -8.43 -0.60
C THR A 161 -1.18 -9.60 -1.27
N ASP A 162 -2.37 -9.33 -1.81
CA ASP A 162 -3.08 -10.26 -2.69
C ASP A 162 -3.30 -9.56 -4.03
N LEU A 163 -3.07 -10.27 -5.12
CA LEU A 163 -3.46 -9.82 -6.45
C LEU A 163 -4.82 -10.43 -6.74
N LYS A 164 -5.78 -9.56 -7.05
CA LYS A 164 -7.19 -9.92 -7.18
C LYS A 164 -7.63 -9.71 -8.62
N TYR A 165 -8.38 -10.66 -9.19
CA TYR A 165 -8.77 -10.60 -10.59
C TYR A 165 -10.24 -10.25 -10.71
N ARG A 166 -10.53 -9.31 -11.60
CA ARG A 166 -11.86 -8.85 -11.96
C ARG A 166 -12.38 -9.55 -13.20
N LYS A 167 -11.47 -9.98 -14.07
CA LYS A 167 -11.76 -10.71 -15.29
C LYS A 167 -10.80 -11.90 -15.34
N GLN A 168 -11.22 -13.00 -15.95
CA GLN A 168 -10.38 -14.19 -16.01
C GLN A 168 -9.11 -13.91 -16.81
N PRO A 169 -7.92 -14.05 -16.23
CA PRO A 169 -6.68 -13.66 -16.91
C PRO A 169 -6.09 -14.81 -17.74
N TRP A 170 -6.79 -15.13 -18.81
CA TRP A 170 -6.42 -16.29 -19.62
C TRP A 170 -4.96 -16.27 -20.02
N GLY A 171 -4.27 -17.36 -19.73
CA GLY A 171 -2.97 -17.62 -20.33
C GLY A 171 -1.92 -16.58 -20.01
N LEU A 172 -1.28 -16.05 -21.07
CA LEU A 172 -0.18 -15.13 -20.86
C LEU A 172 -0.60 -13.91 -20.07
N ILE A 173 -1.89 -13.55 -20.08
CA ILE A 173 -2.33 -12.39 -19.32
C ILE A 173 -1.91 -12.54 -17.87
N LYS A 174 -2.28 -13.66 -17.26
CA LYS A 174 -1.94 -13.83 -15.86
C LYS A 174 -0.44 -13.82 -15.65
N SER A 175 0.31 -14.50 -16.53
CA SER A 175 1.76 -14.53 -16.38
C SER A 175 2.35 -13.13 -16.38
N LEU A 176 1.90 -12.25 -17.30
CA LEU A 176 2.48 -10.92 -17.39
C LEU A 176 2.06 -10.05 -16.21
N ILE A 177 0.79 -10.17 -15.78
CA ILE A 177 0.32 -9.37 -14.65
C ILE A 177 1.12 -9.73 -13.41
N GLU A 178 1.30 -11.02 -13.18
CA GLU A 178 1.96 -11.47 -11.96
C GLU A 178 3.44 -11.11 -11.96
N LYS A 179 4.14 -11.41 -13.05
CA LYS A 179 5.57 -11.13 -13.13
C LYS A 179 5.86 -9.66 -12.90
N ASN A 180 5.09 -8.78 -13.53
CA ASN A 180 5.32 -7.36 -13.39
C ASN A 180 4.92 -6.85 -12.01
N SER A 181 3.80 -7.33 -11.49
CA SER A 181 3.32 -6.85 -10.20
C SER A 181 4.23 -7.30 -9.07
N TRP A 182 4.54 -8.59 -9.01
CA TRP A 182 5.31 -9.07 -7.88
C TRP A 182 6.68 -8.40 -7.85
N SER A 183 7.27 -8.15 -9.02
CA SER A 183 8.59 -7.52 -9.07
C SER A 183 8.52 -6.06 -8.65
N SER A 184 7.49 -5.34 -9.12
CA SER A 184 7.35 -3.93 -8.78
C SER A 184 7.09 -3.77 -7.29
N LEU A 185 6.23 -4.60 -6.73
CA LEU A 185 5.91 -4.47 -5.31
C LEU A 185 7.10 -4.88 -4.44
N GLU A 186 7.84 -5.89 -4.87
CA GLU A 186 9.06 -6.25 -4.16
C GLU A 186 9.98 -5.06 -4.01
N SER A 187 10.21 -4.34 -5.11
CA SER A 187 11.09 -3.17 -5.07
C SER A 187 10.50 -2.09 -4.17
N TYR A 188 9.20 -1.85 -4.31
CA TYR A 188 8.53 -0.78 -3.58
C TYR A 188 8.65 -0.99 -2.08
N PHE A 189 8.33 -2.19 -1.62
CA PHE A 189 8.30 -2.44 -0.18
C PHE A 189 9.69 -2.58 0.39
N LYS A 190 10.65 -3.07 -0.40
CA LYS A 190 12.04 -3.05 0.08
C LYS A 190 12.48 -1.62 0.37
N LYS A 191 12.12 -0.69 -0.51
CA LYS A 191 12.48 0.71 -0.32
C LYS A 191 11.69 1.34 0.82
N LEU A 192 10.41 0.96 0.97
CA LEU A 192 9.63 1.49 2.09
C LEU A 192 10.26 1.09 3.41
N GLU A 193 10.64 -0.18 3.56
CA GLU A 193 11.24 -0.65 4.81
C GLU A 193 12.53 0.10 5.07
N SER A 194 13.36 0.22 4.05
CA SER A 194 14.64 0.91 4.18
C SER A 194 14.46 2.38 4.54
N ASP A 195 13.51 3.05 3.90
CA ASP A 195 13.29 4.47 4.19
C ASP A 195 12.68 4.66 5.58
N LEU A 196 11.82 3.74 6.04
CA LEU A 196 11.27 3.87 7.39
C LEU A 196 12.34 3.76 8.46
N LEU A 197 13.36 2.94 8.22
CA LEU A 197 14.44 2.83 9.19
C LEU A 197 15.07 4.19 9.47
N MET A 198 15.10 5.08 8.47
CA MET A 198 15.69 6.39 8.65
C MET A 198 14.83 7.33 9.45
N GLU A 199 13.61 6.94 9.79
CA GLU A 199 12.72 7.76 10.61
C GLU A 199 12.75 7.37 12.09
N GLU A 200 13.56 6.39 12.47
CA GLU A 200 13.66 5.98 13.85
C GLU A 200 14.32 7.11 14.69
#